data_4ASM
#
_entry.id   4ASM
#
_cell.length_a   53.247
_cell.length_b   77.268
_cell.length_c   83.695
_cell.angle_alpha   90.00
_cell.angle_beta   90.00
_cell.angle_gamma   90.00
#
_symmetry.space_group_name_H-M   'P 21 21 21'
#
loop_
_entity.id
_entity.type
_entity.pdbx_description
1 polymer 'BETA-AGARASE D'
2 non-polymer 'CALCIUM ION'
3 non-polymer IMIDAZOLE
4 non-polymer DI(HYDROXYETHYL)ETHER
5 water water
#
_entity_poly.entity_id   1
_entity_poly.type   'polypeptide(L)'
_entity_poly.pdbx_seq_one_letter_code
;HHHHHHQYDWDNVPIPANAGAGKTWKLQTAASDDFNYTFNPTNNVVDFGPNGNMKWYNKYHNRPNGQPNNFEGPGPTKWM
QNHVAVSGGNLNIWASRIPGATKSFTGSNNTPISRPETRAGCITNKTRVKYPVFVEARVKVMNSTLASDIWLLSPDDTQE
IDIMECYGGPGNDNRNSYFASKIHLSHHVFIRPPNFKDYQPADLNSWWGKNGVTQWGGKTIRIGVNWVSPTRLEYFVDGQ
MVRILDNDAVQTRLADGTWQYTYPAGVTSTGVNGQLIKENGYQKMNIASSLSDAKNKSNISVIDPFNYLNNGRKFSKEMD
IIINVEDQSWQAEAYRSPNAAEMANFYDNNLLVDWIRVYKPVN
;
_entity_poly.pdbx_strand_id   B
#
loop_
_chem_comp.id
_chem_comp.type
_chem_comp.name
_chem_comp.formula
CA non-polymer 'CALCIUM ION' 'Ca 2'
IMD non-polymer IMIDAZOLE 'C3 H5 N2 1'
PEG non-polymer DI(HYDROXYETHYL)ETHER 'C4 H10 O3'
#
# COMPACT_ATOMS: atom_id res chain seq x y z
N GLN A 7 16.04 10.90 20.52
CA GLN A 7 14.60 11.31 20.46
C GLN A 7 14.07 11.23 19.03
N TYR A 8 12.79 10.87 18.90
CA TYR A 8 12.16 10.67 17.60
C TYR A 8 10.79 11.31 17.59
N ASP A 9 10.31 11.67 16.39
CA ASP A 9 9.00 12.30 16.25
C ASP A 9 7.86 11.51 16.87
N TRP A 10 8.01 10.18 16.91
CA TRP A 10 6.97 9.27 17.35
C TRP A 10 7.09 8.94 18.83
N ASP A 11 8.03 9.57 19.54
CA ASP A 11 8.27 9.16 20.92
C ASP A 11 7.00 9.17 21.78
N ASN A 12 6.14 10.17 21.56
CA ASN A 12 4.93 10.36 22.36
C ASN A 12 3.71 9.56 21.88
N VAL A 13 3.91 8.76 20.83
CA VAL A 13 2.79 8.13 20.14
C VAL A 13 2.71 6.66 20.50
N PRO A 14 1.64 6.24 21.18
CA PRO A 14 1.54 4.82 21.54
C PRO A 14 1.60 3.90 20.31
N ILE A 15 2.22 2.76 20.50
CA ILE A 15 2.23 1.71 19.49
C ILE A 15 0.91 0.96 19.60
N PRO A 16 0.06 1.02 18.54
CA PRO A 16 -1.30 0.49 18.71
C PRO A 16 -1.41 -1.03 18.60
N ALA A 17 -0.39 -1.68 18.05
CA ALA A 17 -0.39 -3.12 17.94
C ALA A 17 0.03 -3.74 19.27
N ASN A 18 -0.48 -4.95 19.52
CA ASN A 18 -0.20 -5.67 20.76
C ASN A 18 1.00 -6.59 20.58
N ALA A 19 2.09 -6.31 21.30
CA ALA A 19 3.31 -7.12 21.24
C ALA A 19 3.10 -8.54 21.78
N GLY A 20 2.05 -8.72 22.58
CA GLY A 20 1.71 -10.02 23.17
C GLY A 20 2.11 -10.08 24.64
N ALA A 21 1.51 -11.03 25.37
CA ALA A 21 1.79 -11.20 26.79
C ALA A 21 3.27 -11.49 27.02
N GLY A 22 3.87 -10.71 27.91
CA GLY A 22 5.28 -10.88 28.28
C GLY A 22 6.25 -10.18 27.35
N LYS A 23 5.71 -9.56 26.30
CA LYS A 23 6.54 -8.99 25.25
C LYS A 23 6.39 -7.48 25.15
N THR A 24 7.39 -6.85 24.54
CA THR A 24 7.36 -5.43 24.28
C THR A 24 7.87 -5.19 22.86
N TRP A 25 7.69 -3.97 22.37
CA TRP A 25 8.13 -3.59 21.02
C TRP A 25 9.52 -3.01 21.05
N LYS A 26 10.39 -3.54 20.20
CA LYS A 26 11.74 -3.00 20.03
C LYS A 26 11.87 -2.23 18.72
N LEU A 27 12.26 -0.97 18.82
CA LEU A 27 12.45 -0.13 17.65
C LEU A 27 13.57 -0.67 16.77
N GLN A 28 13.26 -0.81 15.48
CA GLN A 28 14.24 -1.18 14.47
C GLN A 28 14.85 0.10 13.95
N THR A 29 16.01 0.45 14.51
CA THR A 29 16.61 1.75 14.34
C THR A 29 17.03 2.06 12.90
N ALA A 30 17.65 1.09 12.23
CA ALA A 30 18.14 1.33 10.87
C ALA A 30 16.99 1.52 9.89
N ALA A 31 15.91 0.76 10.06
CA ALA A 31 14.76 0.87 9.16
C ALA A 31 13.94 2.14 9.36
N SER A 32 13.86 2.59 10.60
CA SER A 32 12.97 3.71 10.94
C SER A 32 13.55 5.06 10.54
N ASP A 33 12.68 6.02 10.26
CA ASP A 33 13.12 7.32 9.80
C ASP A 33 12.07 8.38 10.12
N ASP A 34 12.45 9.42 10.87
CA ASP A 34 11.53 10.55 11.05
C ASP A 34 11.80 11.75 10.15
N PHE A 35 12.65 11.57 9.13
CA PHE A 35 12.77 12.48 7.98
C PHE A 35 13.00 13.95 8.33
N ASN A 36 13.90 14.22 9.28
CA ASN A 36 14.09 15.60 9.75
C ASN A 36 15.35 16.28 9.20
N TYR A 37 16.01 15.57 8.30
CA TYR A 37 17.23 15.99 7.65
C TYR A 37 16.92 16.57 6.27
N THR A 38 17.96 16.99 5.57
CA THR A 38 17.84 17.49 4.21
C THR A 38 18.37 16.45 3.24
N PHE A 39 17.54 16.10 2.26
CA PHE A 39 17.97 15.38 1.09
C PHE A 39 17.42 16.15 -0.10
N ASN A 40 18.29 16.81 -0.86
CA ASN A 40 17.84 17.55 -2.02
C ASN A 40 17.63 16.61 -3.20
N PRO A 41 16.58 16.85 -4.00
CA PRO A 41 16.25 15.92 -5.07
C PRO A 41 17.35 15.89 -6.12
N THR A 42 17.54 14.74 -6.75
CA THR A 42 18.57 14.54 -7.77
C THR A 42 18.09 13.52 -8.80
N ASN A 43 18.51 13.70 -10.05
CA ASN A 43 18.28 12.74 -11.15
C ASN A 43 19.08 11.45 -10.97
N ASN A 44 20.13 11.50 -10.16
CA ASN A 44 20.97 10.32 -9.96
C ASN A 44 20.30 9.33 -9.02
N VAL A 45 20.57 8.05 -9.25
CA VAL A 45 20.16 7.02 -8.29
C VAL A 45 21.14 7.05 -7.14
N VAL A 46 20.63 7.41 -5.97
CA VAL A 46 21.47 7.58 -4.78
C VAL A 46 20.80 7.02 -3.53
N ASP A 47 21.62 6.71 -2.53
CA ASP A 47 21.15 6.40 -1.20
C ASP A 47 20.96 7.72 -0.46
N PHE A 48 20.05 7.74 0.50
CA PHE A 48 19.87 8.91 1.35
C PHE A 48 19.46 8.55 2.77
N GLY A 49 19.62 9.51 3.66
CA GLY A 49 19.33 9.35 5.08
C GLY A 49 19.98 10.45 5.88
N PRO A 50 19.79 10.43 7.19
CA PRO A 50 20.36 11.46 8.08
C PRO A 50 21.86 11.26 8.23
N ASN A 51 22.59 12.33 8.53
CA ASN A 51 24.04 12.22 8.75
C ASN A 51 24.71 11.32 7.70
N GLY A 52 25.42 10.30 8.15
CA GLY A 52 26.04 9.34 7.23
C GLY A 52 25.12 8.22 6.77
N ASN A 53 24.03 8.01 7.51
CA ASN A 53 23.16 6.84 7.29
C ASN A 53 22.57 6.72 5.90
N MET A 54 22.60 5.51 5.37
CA MET A 54 21.90 5.20 4.14
C MET A 54 20.66 4.44 4.56
N LYS A 55 19.50 5.08 4.54
CA LYS A 55 18.28 4.39 4.92
C LYS A 55 17.40 4.05 3.72
N TRP A 56 17.54 4.81 2.64
CA TRP A 56 16.71 4.66 1.46
C TRP A 56 17.53 4.83 0.20
N TYR A 57 16.99 4.38 -0.92
CA TYR A 57 17.41 4.88 -2.23
C TYR A 57 16.20 5.35 -3.04
N ASN A 58 16.44 6.29 -3.95
CA ASN A 58 15.37 6.98 -4.67
C ASN A 58 14.91 6.25 -5.93
N LYS A 59 14.76 4.94 -5.81
CA LYS A 59 14.31 4.13 -6.92
C LYS A 59 13.48 2.96 -6.42
N TYR A 60 12.64 2.42 -7.32
CA TYR A 60 11.97 1.16 -7.08
C TYR A 60 12.99 0.06 -6.76
N HIS A 61 12.56 -0.96 -6.05
CA HIS A 61 13.47 -1.89 -5.36
C HIS A 61 14.33 -2.76 -6.28
N ASN A 62 15.56 -2.98 -5.84
CA ASN A 62 16.47 -3.86 -6.58
C ASN A 62 15.96 -5.29 -6.68
N ARG A 63 16.48 -6.00 -7.68
CA ARG A 63 16.30 -7.44 -7.80
C ARG A 63 16.98 -8.20 -6.66
N PRO A 64 16.57 -9.47 -6.42
CA PRO A 64 17.24 -10.29 -5.38
C PRO A 64 18.78 -10.30 -5.49
N ASN A 65 19.30 -10.31 -6.72
CA ASN A 65 20.77 -10.33 -6.94
C ASN A 65 21.48 -8.98 -6.79
N GLY A 66 20.70 -7.95 -6.50
CA GLY A 66 21.26 -6.62 -6.26
C GLY A 66 21.23 -5.70 -7.46
N GLN A 67 20.94 -6.27 -8.63
CA GLN A 67 20.86 -5.51 -9.88
C GLN A 67 19.60 -4.65 -9.88
N PRO A 68 19.62 -3.52 -10.59
CA PRO A 68 18.42 -2.67 -10.60
C PRO A 68 17.20 -3.36 -11.20
N ASN A 69 16.03 -3.02 -10.66
CA ASN A 69 14.78 -3.38 -11.29
C ASN A 69 14.31 -2.11 -11.98
N ASN A 70 14.31 -2.12 -13.32
CA ASN A 70 14.06 -0.90 -14.07
C ASN A 70 12.59 -0.70 -14.49
N PHE A 71 11.69 -1.46 -13.87
CA PHE A 71 10.25 -1.25 -14.03
C PHE A 71 9.91 0.18 -13.68
N GLU A 72 9.17 0.84 -14.55
CA GLU A 72 8.96 2.26 -14.36
C GLU A 72 7.60 2.64 -13.80
N GLY A 73 6.78 1.63 -13.49
CA GLY A 73 5.49 1.88 -12.87
C GLY A 73 4.29 1.37 -13.66
N PRO A 74 3.14 1.30 -12.98
CA PRO A 74 1.90 0.83 -13.59
C PRO A 74 1.27 1.92 -14.44
N GLY A 75 0.32 1.53 -15.30
CA GLY A 75 -0.41 2.53 -16.06
C GLY A 75 0.52 3.46 -16.82
N PRO A 76 0.15 4.75 -16.89
CA PRO A 76 1.02 5.73 -17.52
C PRO A 76 2.00 6.37 -16.51
N THR A 77 2.28 5.68 -15.40
CA THR A 77 3.29 6.17 -14.44
C THR A 77 4.70 6.00 -15.00
N LYS A 78 5.53 7.04 -14.81
CA LYS A 78 6.98 6.88 -14.99
C LYS A 78 7.68 7.35 -13.72
N TRP A 79 8.20 6.41 -12.96
CA TRP A 79 8.92 6.78 -11.76
C TRP A 79 10.22 7.52 -12.11
N MET A 80 10.49 8.57 -11.35
CA MET A 80 11.60 9.47 -11.63
C MET A 80 12.40 9.75 -10.37
N GLN A 81 13.72 9.63 -10.49
CA GLN A 81 14.61 9.79 -9.34
C GLN A 81 14.42 11.13 -8.66
N ASN A 82 14.25 12.20 -9.45
CA ASN A 82 14.26 13.55 -8.86
C ASN A 82 12.92 14.00 -8.28
N HIS A 83 11.96 13.07 -8.20
CA HIS A 83 10.65 13.36 -7.58
C HIS A 83 10.58 12.86 -6.14
N VAL A 84 11.73 12.92 -5.45
CA VAL A 84 11.90 12.44 -4.08
C VAL A 84 12.81 13.45 -3.39
N ALA A 85 12.40 13.92 -2.22
CA ALA A 85 13.27 14.79 -1.41
C ALA A 85 12.91 14.61 0.07
N VAL A 86 13.82 15.03 0.94
CA VAL A 86 13.48 15.11 2.37
C VAL A 86 13.78 16.55 2.78
N SER A 87 12.78 17.21 3.37
CA SER A 87 12.93 18.60 3.81
C SER A 87 11.72 19.02 4.62
N GLY A 88 11.93 19.97 5.55
CA GLY A 88 10.82 20.53 6.31
C GLY A 88 10.21 19.54 7.28
N GLY A 89 10.97 18.48 7.58
CA GLY A 89 10.51 17.45 8.50
C GLY A 89 9.79 16.28 7.84
N ASN A 90 9.68 16.30 6.53
CA ASN A 90 8.92 15.27 5.81
C ASN A 90 9.71 14.68 4.66
N LEU A 91 9.49 13.39 4.39
CA LEU A 91 9.73 12.86 3.06
C LEU A 91 8.70 13.50 2.12
N ASN A 92 9.17 13.97 0.96
CA ASN A 92 8.32 14.54 -0.09
C ASN A 92 8.44 13.61 -1.29
N ILE A 93 7.30 13.09 -1.77
CA ILE A 93 7.28 12.31 -3.02
C ILE A 93 6.15 12.88 -3.84
N TRP A 94 6.44 13.38 -5.03
CA TRP A 94 5.42 14.08 -5.79
C TRP A 94 5.25 13.57 -7.21
N ALA A 95 4.27 14.13 -7.88
CA ALA A 95 3.98 13.80 -9.26
C ALA A 95 3.98 15.09 -10.09
N SER A 96 4.29 14.94 -11.37
CA SER A 96 4.22 16.04 -12.31
C SER A 96 3.99 15.49 -13.72
N ARG A 97 3.69 16.38 -14.66
CA ARG A 97 3.57 15.97 -16.05
C ARG A 97 4.38 16.90 -16.95
N ILE A 98 4.96 16.34 -17.99
CA ILE A 98 5.67 17.10 -19.02
C ILE A 98 4.71 17.31 -20.19
N PRO A 99 4.55 18.57 -20.67
CA PRO A 99 3.58 18.76 -21.76
C PRO A 99 3.86 17.85 -22.97
N GLY A 100 2.82 17.18 -23.47
CA GLY A 100 2.93 16.31 -24.65
C GLY A 100 3.47 14.92 -24.42
N ALA A 101 3.90 14.62 -23.17
CA ALA A 101 4.44 13.31 -22.85
C ALA A 101 3.28 12.37 -22.57
N THR A 102 3.30 11.22 -23.22
CA THR A 102 2.27 10.20 -23.05
C THR A 102 2.91 8.83 -22.77
N LYS A 103 2.11 7.90 -22.26
CA LYS A 103 2.60 6.54 -22.02
C LYS A 103 1.51 5.54 -22.32
N SER A 104 1.92 4.44 -22.96
CA SER A 104 1.05 3.34 -23.33
C SER A 104 1.11 2.24 -22.27
N PHE A 105 -0.04 1.60 -22.05
CA PHE A 105 -0.16 0.47 -21.15
C PHE A 105 -1.34 -0.39 -21.61
N THR A 106 -1.39 -1.61 -21.11
CA THR A 106 -2.45 -2.54 -21.50
C THR A 106 -3.72 -2.20 -20.72
N GLY A 107 -4.77 -1.87 -21.47
CA GLY A 107 -6.07 -1.54 -20.90
C GLY A 107 -6.94 -2.75 -20.62
N SER A 108 -8.18 -2.47 -20.19
CA SER A 108 -9.09 -3.51 -19.77
C SER A 108 -9.57 -4.42 -20.91
N ASN A 109 -9.30 -4.03 -22.15
CA ASN A 109 -9.64 -4.89 -23.29
C ASN A 109 -8.46 -5.68 -23.79
N ASN A 110 -7.41 -5.73 -22.97
CA ASN A 110 -6.22 -6.52 -23.30
C ASN A 110 -5.57 -6.02 -24.57
N THR A 111 -5.58 -4.69 -24.74
CA THR A 111 -5.00 -4.02 -25.89
C THR A 111 -4.37 -2.70 -25.39
N PRO A 112 -3.47 -2.08 -26.20
N PRO A 112 -3.22 -2.28 -25.96
CA PRO A 112 -2.76 -0.92 -25.69
CA PRO A 112 -2.60 -1.08 -25.37
C PRO A 112 -3.64 0.29 -25.69
C PRO A 112 -3.35 0.23 -25.66
N ILE A 113 -3.49 1.10 -24.65
CA ILE A 113 -4.08 2.42 -24.72
C ILE A 113 -3.07 3.44 -24.18
N SER A 114 -3.26 4.71 -24.53
CA SER A 114 -2.33 5.78 -24.12
C SER A 114 -3.03 6.86 -23.30
N ARG A 115 -2.30 7.38 -22.31
CA ARG A 115 -2.78 8.49 -21.51
C ARG A 115 -1.60 9.41 -21.25
N PRO A 116 -1.84 10.65 -20.79
CA PRO A 116 -0.72 11.49 -20.37
C PRO A 116 0.16 10.79 -19.34
N GLU A 117 1.48 10.91 -19.53
CA GLU A 117 2.41 10.28 -18.60
CA GLU A 117 2.42 10.29 -18.62
C GLU A 117 2.49 11.03 -17.30
N THR A 118 2.46 10.30 -16.20
CA THR A 118 2.58 10.90 -14.88
C THR A 118 3.91 10.53 -14.27
N ARG A 119 4.77 11.54 -14.11
CA ARG A 119 6.07 11.34 -13.50
C ARG A 119 5.84 11.32 -12.00
N ALA A 120 6.52 10.42 -11.28
CA ALA A 120 6.27 10.27 -9.84
C ALA A 120 7.47 9.67 -9.11
N GLY A 121 7.59 9.96 -7.83
CA GLY A 121 8.71 9.39 -7.09
C GLY A 121 8.42 7.99 -6.54
N CYS A 122 9.49 7.26 -6.25
CA CYS A 122 9.39 5.91 -5.68
C CYS A 122 10.68 5.68 -4.93
N ILE A 123 10.58 5.21 -3.69
CA ILE A 123 11.77 4.90 -2.90
C ILE A 123 11.68 3.53 -2.30
N THR A 124 12.84 2.97 -1.94
CA THR A 124 12.95 1.68 -1.27
C THR A 124 13.85 1.83 -0.04
N ASN A 125 13.44 1.27 1.10
CA ASN A 125 14.23 1.24 2.32
C ASN A 125 15.33 0.20 2.23
N LYS A 126 16.51 0.52 2.78
CA LYS A 126 17.65 -0.40 2.66
C LYS A 126 17.59 -1.55 3.67
N THR A 127 16.64 -1.49 4.60
CA THR A 127 16.47 -2.52 5.61
C THR A 127 15.16 -3.24 5.37
N ARG A 128 15.24 -4.54 5.11
CA ARG A 128 14.05 -5.36 4.85
C ARG A 128 13.32 -5.73 6.13
N VAL A 129 12.05 -6.09 5.98
CA VAL A 129 11.24 -6.50 7.12
C VAL A 129 10.64 -7.88 6.92
N LYS A 130 10.37 -8.57 8.02
CA LYS A 130 9.72 -9.88 7.97
C LYS A 130 8.96 -10.09 9.28
N TYR A 131 7.85 -10.83 9.22
CA TYR A 131 7.11 -11.13 10.43
C TYR A 131 8.06 -11.73 11.48
N PRO A 132 7.81 -11.44 12.77
CA PRO A 132 6.83 -10.50 13.26
C PRO A 132 7.37 -9.08 13.21
N VAL A 133 6.58 -8.16 12.65
CA VAL A 133 7.04 -6.79 12.49
C VAL A 133 5.82 -5.86 12.36
N PHE A 134 5.94 -4.69 12.97
CA PHE A 134 4.94 -3.64 12.85
C PHE A 134 5.54 -2.41 12.17
N VAL A 135 4.87 -1.94 11.12
CA VAL A 135 5.35 -0.79 10.35
C VAL A 135 4.25 0.25 10.34
N GLU A 136 4.56 1.47 10.75
CA GLU A 136 3.55 2.53 10.80
C GLU A 136 4.12 3.86 10.33
N ALA A 137 3.32 4.62 9.59
CA ALA A 137 3.74 5.94 9.10
C ALA A 137 2.74 7.02 9.45
N ARG A 138 3.25 8.23 9.65
CA ARG A 138 2.39 9.40 9.74
C ARG A 138 2.54 10.13 8.42
N VAL A 139 1.41 10.30 7.72
CA VAL A 139 1.43 10.70 6.32
C VAL A 139 0.26 11.63 5.98
N LYS A 140 0.55 12.70 5.22
CA LYS A 140 -0.50 13.52 4.66
C LYS A 140 -0.82 12.93 3.29
N VAL A 141 -1.98 12.26 3.22
CA VAL A 141 -2.44 11.66 1.97
C VAL A 141 -2.55 12.75 0.90
N MET A 142 -2.10 12.48 -0.33
CA MET A 142 -2.22 13.48 -1.38
C MET A 142 -3.66 13.81 -1.70
N ASN A 143 -3.95 15.10 -1.81
CA ASN A 143 -5.24 15.58 -2.30
C ASN A 143 -5.29 15.48 -3.83
N SER A 144 -5.23 14.24 -4.31
CA SER A 144 -5.06 13.91 -5.72
C SER A 144 -5.78 12.60 -5.99
N THR A 145 -6.19 12.41 -7.24
CA THR A 145 -6.80 11.14 -7.62
C THR A 145 -5.74 10.04 -7.81
N LEU A 146 -4.46 10.41 -7.80
CA LEU A 146 -3.35 9.44 -7.79
C LEU A 146 -3.31 8.64 -6.51
N ALA A 147 -2.62 7.51 -6.56
CA ALA A 147 -2.45 6.63 -5.40
C ALA A 147 -1.31 7.11 -4.51
N SER A 148 -1.63 7.30 -3.23
CA SER A 148 -0.66 7.50 -2.15
C SER A 148 -0.38 6.12 -1.58
N ASP A 149 0.87 5.64 -1.73
CA ASP A 149 1.22 4.24 -1.44
C ASP A 149 2.34 4.09 -0.43
N ILE A 150 2.10 3.26 0.59
CA ILE A 150 3.16 2.81 1.49
C ILE A 150 2.98 1.31 1.57
N TRP A 151 4.01 0.56 1.20
CA TRP A 151 3.79 -0.86 1.05
C TRP A 151 5.07 -1.68 1.20
N LEU A 152 4.89 -3.00 1.22
CA LEU A 152 5.99 -3.96 1.39
C LEU A 152 5.97 -4.94 0.21
N LEU A 153 7.14 -5.24 -0.36
CA LEU A 153 7.18 -6.12 -1.54
C LEU A 153 8.43 -6.98 -1.48
N SER A 154 8.27 -8.31 -1.62
CA SER A 154 9.45 -9.18 -1.61
C SER A 154 10.32 -8.85 -2.84
N PRO A 155 11.65 -8.93 -2.68
CA PRO A 155 12.54 -8.68 -3.83
C PRO A 155 12.17 -9.44 -5.10
N ASP A 156 11.63 -10.66 -4.97
CA ASP A 156 11.29 -11.45 -6.16
C ASP A 156 9.89 -11.15 -6.72
N ASP A 157 9.21 -10.16 -6.12
CA ASP A 157 7.94 -9.63 -6.64
C ASP A 157 6.76 -10.62 -6.50
N THR A 158 6.88 -11.65 -5.67
CA THR A 158 5.77 -12.62 -5.50
C THR A 158 4.83 -12.32 -4.32
N GLN A 159 5.34 -11.64 -3.29
CA GLN A 159 4.58 -11.47 -2.07
C GLN A 159 4.62 -10.01 -1.65
N GLU A 160 3.44 -9.48 -1.30
CA GLU A 160 3.29 -8.04 -1.00
C GLU A 160 2.30 -7.83 0.12
N ILE A 161 2.62 -6.90 1.00
CA ILE A 161 1.68 -6.50 2.07
C ILE A 161 1.62 -5.00 2.01
N ASP A 162 0.43 -4.43 1.83
CA ASP A 162 0.32 -2.98 1.76
C ASP A 162 0.03 -2.42 3.13
N ILE A 163 0.53 -1.22 3.38
CA ILE A 163 0.15 -0.45 4.55
C ILE A 163 -0.97 0.50 4.12
N MET A 164 -0.70 1.31 3.10
CA MET A 164 -1.72 2.22 2.57
C MET A 164 -1.73 2.19 1.05
N GLU A 165 -2.93 2.10 0.47
CA GLU A 165 -3.16 2.40 -0.95
C GLU A 165 -4.41 3.26 -0.94
N CYS A 166 -4.26 4.56 -1.22
CA CYS A 166 -5.35 5.50 -1.07
C CYS A 166 -5.35 6.50 -2.22
N TYR A 167 -6.49 6.63 -2.88
CA TYR A 167 -6.67 7.63 -3.95
C TYR A 167 -7.52 8.74 -3.34
N GLY A 168 -6.85 9.57 -2.55
CA GLY A 168 -7.53 10.37 -1.53
C GLY A 168 -8.30 11.61 -1.98
N GLY A 169 -7.99 12.10 -3.17
CA GLY A 169 -8.65 13.32 -3.64
C GLY A 169 -9.83 12.99 -4.52
N PRO A 170 -10.98 13.67 -4.30
CA PRO A 170 -12.12 13.41 -5.15
C PRO A 170 -12.00 13.95 -6.56
N GLY A 171 -11.02 14.81 -6.81
CA GLY A 171 -10.95 15.53 -8.08
C GLY A 171 -11.69 16.85 -8.02
N ASN A 172 -11.24 17.81 -8.81
CA ASN A 172 -11.91 19.11 -8.86
C ASN A 172 -13.32 19.03 -9.40
N ASP A 173 -13.65 17.96 -10.13
CA ASP A 173 -15.02 17.71 -10.61
C ASP A 173 -15.68 16.53 -9.89
N ASN A 174 -15.06 16.04 -8.81
CA ASN A 174 -15.60 14.93 -8.02
C ASN A 174 -15.67 13.57 -8.72
N ARG A 175 -14.94 13.42 -9.83
CA ARG A 175 -14.99 12.16 -10.59
C ARG A 175 -14.45 10.94 -9.81
N ASN A 176 -13.63 11.22 -8.79
CA ASN A 176 -13.06 10.18 -7.91
C ASN A 176 -13.68 10.18 -6.50
N SER A 177 -14.80 10.86 -6.31
CA SER A 177 -15.51 10.89 -5.02
C SER A 177 -15.80 9.52 -4.38
N TYR A 178 -16.06 8.50 -5.19
CA TYR A 178 -16.40 7.17 -4.65
C TYR A 178 -15.19 6.59 -3.92
N PHE A 179 -14.00 6.81 -4.49
CA PHE A 179 -12.77 6.23 -3.93
C PHE A 179 -12.11 7.11 -2.89
N ALA A 180 -12.32 8.43 -2.98
CA ALA A 180 -11.64 9.37 -2.10
C ALA A 180 -11.95 9.17 -0.61
N SER A 181 -13.13 8.62 -0.32
CA SER A 181 -13.56 8.39 1.06
C SER A 181 -13.00 7.10 1.67
N LYS A 182 -12.23 6.33 0.89
CA LYS A 182 -11.78 5.02 1.36
C LYS A 182 -10.25 4.87 1.37
N ILE A 183 -9.79 3.98 2.24
CA ILE A 183 -8.39 3.55 2.21
C ILE A 183 -8.43 2.07 1.89
N HIS A 184 -7.74 1.66 0.82
CA HIS A 184 -7.66 0.24 0.52
C HIS A 184 -6.65 -0.44 1.42
N LEU A 185 -7.15 -1.37 2.24
CA LEU A 185 -6.33 -2.12 3.20
C LEU A 185 -6.07 -3.46 2.50
N SER A 186 -4.82 -3.66 2.07
CA SER A 186 -4.58 -4.64 1.01
C SER A 186 -3.25 -5.38 1.13
N HIS A 187 -3.09 -6.35 0.24
CA HIS A 187 -1.85 -7.09 0.05
C HIS A 187 -1.95 -7.67 -1.33
N HIS A 188 -0.86 -8.24 -1.84
CA HIS A 188 -0.97 -8.96 -3.10
C HIS A 188 -0.15 -10.24 -3.01
N VAL A 189 -0.60 -11.24 -3.75
CA VAL A 189 0.24 -12.39 -4.07
C VAL A 189 0.26 -12.55 -5.59
N PHE A 190 1.42 -12.94 -6.14
CA PHE A 190 1.58 -13.04 -7.61
C PHE A 190 2.15 -14.36 -8.03
N ILE A 191 1.72 -14.82 -9.20
CA ILE A 191 2.57 -15.68 -10.02
C ILE A 191 3.27 -14.75 -11.01
N ARG A 192 4.60 -14.88 -11.09
CA ARG A 192 5.38 -14.06 -11.99
C ARG A 192 5.23 -14.58 -13.42
N PRO A 193 5.55 -13.74 -14.42
CA PRO A 193 5.62 -14.29 -15.78
C PRO A 193 6.49 -15.54 -15.79
N PRO A 194 6.20 -16.51 -16.66
CA PRO A 194 5.22 -16.44 -17.77
C PRO A 194 3.73 -16.49 -17.42
N ASN A 195 3.38 -17.21 -16.35
CA ASN A 195 1.97 -17.39 -15.98
C ASN A 195 1.49 -16.30 -15.03
N PHE A 196 1.57 -15.05 -15.48
CA PHE A 196 1.32 -13.92 -14.59
C PHE A 196 -0.11 -13.91 -14.04
N LYS A 197 -0.20 -13.85 -12.72
CA LYS A 197 -1.49 -13.72 -12.02
C LYS A 197 -1.30 -12.82 -10.80
N ASP A 198 -2.34 -12.06 -10.48
CA ASP A 198 -2.30 -11.08 -9.39
C ASP A 198 -3.56 -11.23 -8.55
N TYR A 199 -3.40 -11.50 -7.26
CA TYR A 199 -4.51 -11.47 -6.31
C TYR A 199 -4.33 -10.37 -5.25
N GLN A 200 -5.40 -9.63 -4.98
CA GLN A 200 -5.49 -8.69 -3.87
C GLN A 200 -6.91 -8.73 -3.29
N PRO A 201 -7.06 -8.31 -2.02
CA PRO A 201 -8.41 -8.25 -1.45
C PRO A 201 -9.34 -7.36 -2.25
N ALA A 202 -10.52 -7.93 -2.52
CA ALA A 202 -11.57 -7.26 -3.28
C ALA A 202 -12.92 -7.32 -2.56
N ASP A 203 -12.91 -7.67 -1.28
CA ASP A 203 -14.14 -7.56 -0.49
C ASP A 203 -14.46 -6.09 -0.28
N LEU A 204 -15.76 -5.80 -0.19
CA LEU A 204 -16.22 -4.43 0.08
C LEU A 204 -15.49 -3.84 1.31
N ASN A 205 -15.35 -4.63 2.36
CA ASN A 205 -14.76 -4.13 3.60
C ASN A 205 -13.26 -3.78 3.49
N SER A 206 -12.60 -4.22 2.41
CA SER A 206 -11.19 -3.86 2.25
C SER A 206 -11.03 -2.40 1.85
N TRP A 207 -12.11 -1.79 1.40
CA TRP A 207 -12.14 -0.36 1.10
C TRP A 207 -12.69 0.30 2.36
N TRP A 208 -11.78 0.63 3.27
CA TRP A 208 -12.15 1.02 4.62
C TRP A 208 -12.46 2.51 4.71
N GLY A 209 -13.48 2.85 5.50
CA GLY A 209 -13.83 4.24 5.70
C GLY A 209 -14.41 4.47 7.08
N LYS A 210 -14.83 5.72 7.33
CA LYS A 210 -15.29 6.15 8.63
C LYS A 210 -16.35 7.20 8.43
N ASN A 211 -17.47 7.08 9.14
CA ASN A 211 -18.51 8.11 9.03
C ASN A 211 -17.95 9.50 9.30
N GLY A 212 -18.34 10.45 8.45
CA GLY A 212 -17.92 11.84 8.59
C GLY A 212 -16.63 12.19 7.85
N VAL A 213 -15.95 11.18 7.30
CA VAL A 213 -14.76 11.44 6.46
C VAL A 213 -15.17 11.27 4.99
N THR A 214 -15.27 12.39 4.26
CA THR A 214 -15.65 12.38 2.86
C THR A 214 -14.47 12.14 1.98
N GLN A 215 -13.29 12.58 2.42
CA GLN A 215 -12.06 12.36 1.65
C GLN A 215 -10.88 12.24 2.56
N TRP A 216 -9.93 11.38 2.17
CA TRP A 216 -8.68 11.26 2.91
C TRP A 216 -7.62 12.21 2.40
N GLY A 217 -7.76 12.64 1.13
CA GLY A 217 -6.79 13.54 0.52
C GLY A 217 -6.66 14.81 1.33
N GLY A 218 -5.42 15.19 1.62
CA GLY A 218 -5.16 16.38 2.44
C GLY A 218 -5.18 16.17 3.95
N LYS A 219 -5.62 14.99 4.39
CA LYS A 219 -5.63 14.65 5.82
C LYS A 219 -4.30 14.00 6.19
N THR A 220 -3.78 14.34 7.38
CA THR A 220 -2.66 13.57 7.88
C THR A 220 -3.13 12.53 8.90
N ILE A 221 -2.74 11.30 8.61
CA ILE A 221 -3.18 10.15 9.36
C ILE A 221 -1.94 9.37 9.81
N ARG A 222 -2.14 8.51 10.81
CA ARG A 222 -1.17 7.44 11.09
C ARG A 222 -1.77 6.16 10.56
N ILE A 223 -0.99 5.40 9.80
CA ILE A 223 -1.49 4.14 9.26
C ILE A 223 -0.37 3.09 9.35
N GLY A 224 -0.73 1.89 9.74
CA GLY A 224 0.28 0.85 9.94
C GLY A 224 -0.28 -0.54 9.77
N VAL A 225 0.63 -1.47 9.57
CA VAL A 225 0.29 -2.89 9.54
C VAL A 225 1.14 -3.65 10.54
N ASN A 226 0.49 -4.52 11.31
CA ASN A 226 1.18 -5.46 12.17
C ASN A 226 1.17 -6.79 11.43
N TRP A 227 2.35 -7.18 10.93
CA TRP A 227 2.54 -8.43 10.23
C TRP A 227 2.92 -9.45 11.30
N VAL A 228 1.92 -10.21 11.71
CA VAL A 228 2.01 -11.03 12.92
C VAL A 228 2.72 -12.36 12.62
N SER A 229 2.37 -12.95 11.49
CA SER A 229 2.78 -14.31 11.19
C SER A 229 2.65 -14.54 9.70
N PRO A 230 2.98 -15.74 9.23
CA PRO A 230 2.70 -16.06 7.81
C PRO A 230 1.24 -15.85 7.38
N THR A 231 0.32 -15.81 8.34
CA THR A 231 -1.06 -15.96 7.96
C THR A 231 -1.94 -14.84 8.57
N ARG A 232 -1.32 -13.89 9.28
CA ARG A 232 -2.11 -12.83 9.96
C ARG A 232 -1.54 -11.42 9.80
N LEU A 233 -2.43 -10.50 9.38
CA LEU A 233 -2.13 -9.06 9.24
C LEU A 233 -3.16 -8.27 10.01
N GLU A 234 -2.72 -7.19 10.68
CA GLU A 234 -3.65 -6.29 11.37
C GLU A 234 -3.37 -4.88 10.89
N TYR A 235 -4.43 -4.10 10.62
CA TYR A 235 -4.31 -2.74 10.11
C TYR A 235 -4.78 -1.73 11.13
N PHE A 236 -4.12 -0.58 11.17
CA PHE A 236 -4.38 0.48 12.16
C PHE A 236 -4.42 1.82 11.48
N VAL A 237 -5.40 2.65 11.86
CA VAL A 237 -5.52 4.02 11.37
C VAL A 237 -5.73 4.90 12.58
N ASP A 238 -4.86 5.90 12.72
CA ASP A 238 -4.92 6.84 13.83
C ASP A 238 -4.98 6.14 15.20
N GLY A 239 -4.19 5.09 15.34
CA GLY A 239 -4.08 4.38 16.60
C GLY A 239 -5.15 3.34 16.90
N GLN A 240 -6.10 3.19 15.99
CA GLN A 240 -7.22 2.26 16.19
C GLN A 240 -7.04 1.08 15.27
N MET A 241 -7.18 -0.14 15.79
CA MET A 241 -7.18 -1.31 14.93
C MET A 241 -8.45 -1.29 14.08
N VAL A 242 -8.31 -1.43 12.76
CA VAL A 242 -9.48 -1.34 11.88
C VAL A 242 -9.76 -2.58 11.04
N ARG A 243 -8.79 -3.49 10.95
CA ARG A 243 -8.96 -4.69 10.13
C ARG A 243 -7.98 -5.79 10.52
N ILE A 244 -8.43 -7.03 10.48
CA ILE A 244 -7.55 -8.19 10.63
C ILE A 244 -7.83 -9.15 9.49
N LEU A 245 -6.77 -9.65 8.84
CA LEU A 245 -6.85 -10.81 7.95
C LEU A 245 -6.16 -11.94 8.67
N ASP A 246 -6.84 -13.04 8.84
CA ASP A 246 -6.25 -14.16 9.57
C ASP A 246 -6.56 -15.45 8.85
N ASN A 247 -5.64 -15.82 7.96
CA ASN A 247 -5.69 -17.08 7.20
C ASN A 247 -6.85 -17.15 6.19
N ASP A 248 -8.07 -17.35 6.68
CA ASP A 248 -9.24 -17.56 5.82
C ASP A 248 -10.46 -16.76 6.28
N ALA A 249 -10.19 -15.77 7.14
CA ALA A 249 -11.24 -14.95 7.75
C ALA A 249 -10.80 -13.52 7.89
N VAL A 250 -11.78 -12.63 8.02
CA VAL A 250 -11.54 -11.21 8.05
C VAL A 250 -12.39 -10.60 9.16
N GLN A 251 -11.87 -9.58 9.81
CA GLN A 251 -12.71 -8.72 10.64
C GLN A 251 -12.37 -7.29 10.30
N THR A 252 -13.39 -6.45 10.15
CA THR A 252 -13.13 -5.04 9.83
C THR A 252 -14.10 -4.10 10.51
N ARG A 253 -13.59 -2.94 10.90
CA ARG A 253 -14.45 -1.92 11.49
C ARG A 253 -15.25 -1.26 10.42
N LEU A 254 -16.57 -1.35 10.58
CA LEU A 254 -17.53 -0.71 9.71
C LEU A 254 -17.49 0.81 9.88
N ALA A 255 -18.27 1.49 9.06
CA ALA A 255 -18.26 2.95 9.03
C ALA A 255 -18.54 3.59 10.40
N ASP A 256 -19.38 2.92 11.19
CA ASP A 256 -19.71 3.41 12.53
C ASP A 256 -18.76 2.94 13.62
N GLY A 257 -17.71 2.21 13.22
CA GLY A 257 -16.69 1.74 14.16
C GLY A 257 -16.91 0.32 14.65
N THR A 258 -18.07 -0.23 14.37
CA THR A 258 -18.45 -1.51 14.90
C THR A 258 -17.77 -2.64 14.08
N TRP A 259 -17.40 -3.72 14.75
CA TRP A 259 -16.71 -4.84 14.06
C TRP A 259 -17.66 -5.72 13.28
N GLN A 260 -17.26 -6.05 12.05
CA GLN A 260 -17.95 -7.09 11.27
C GLN A 260 -16.98 -8.21 10.92
N TYR A 261 -17.42 -9.46 11.15
CA TYR A 261 -16.59 -10.65 10.93
C TYR A 261 -17.09 -11.32 9.69
N THR A 262 -16.19 -11.53 8.73
CA THR A 262 -16.60 -12.08 7.46
C THR A 262 -15.63 -13.13 6.92
N TYR A 263 -16.08 -13.89 5.94
CA TYR A 263 -15.20 -14.87 5.29
C TYR A 263 -15.74 -15.10 3.86
N PRO A 264 -14.89 -15.61 2.95
CA PRO A 264 -15.32 -15.81 1.56
C PRO A 264 -16.48 -16.78 1.39
N ALA A 265 -17.48 -16.33 0.64
CA ALA A 265 -18.66 -17.16 0.34
C ALA A 265 -18.37 -18.18 -0.75
N GLY A 266 -17.48 -17.86 -1.69
CA GLY A 266 -17.20 -18.81 -2.75
C GLY A 266 -16.16 -18.37 -3.74
N VAL A 267 -15.51 -19.38 -4.33
CA VAL A 267 -14.61 -19.21 -5.45
C VAL A 267 -14.86 -20.37 -6.38
N THR A 268 -14.47 -20.15 -7.62
CA THR A 268 -14.67 -21.08 -8.70
C THR A 268 -13.69 -22.28 -8.58
N SER A 269 -12.54 -22.02 -7.97
CA SER A 269 -11.52 -23.04 -7.67
C SER A 269 -10.53 -22.45 -6.66
N THR A 270 -9.92 -23.33 -5.87
CA THR A 270 -8.88 -22.91 -4.94
C THR A 270 -7.48 -23.14 -5.54
N GLY A 271 -7.46 -23.52 -6.82
CA GLY A 271 -6.22 -23.64 -7.60
C GLY A 271 -5.98 -22.43 -8.49
N VAL A 272 -4.93 -22.47 -9.31
CA VAL A 272 -4.43 -21.23 -9.95
C VAL A 272 -5.34 -20.55 -10.97
N ASN A 273 -6.31 -21.28 -11.52
CA ASN A 273 -7.23 -20.67 -12.45
C ASN A 273 -8.56 -20.25 -11.81
N GLY A 274 -8.62 -20.31 -10.49
CA GLY A 274 -9.82 -19.89 -9.75
C GLY A 274 -10.17 -18.41 -9.88
N GLN A 275 -11.46 -18.11 -9.77
CA GLN A 275 -11.95 -16.74 -9.75
C GLN A 275 -12.88 -16.53 -8.57
N LEU A 276 -12.98 -15.28 -8.11
CA LEU A 276 -13.89 -14.93 -7.03
C LEU A 276 -15.34 -14.99 -7.50
N ILE A 277 -16.22 -15.49 -6.64
CA ILE A 277 -17.64 -15.21 -6.78
C ILE A 277 -17.88 -13.82 -6.19
N LYS A 278 -18.55 -12.96 -6.96
CA LYS A 278 -18.79 -11.57 -6.53
C LYS A 278 -20.28 -11.28 -6.24
N GLU A 279 -20.51 -10.25 -5.42
CA GLU A 279 -21.84 -9.78 -5.08
C GLU A 279 -21.73 -8.28 -4.98
N ASN A 280 -22.59 -7.56 -5.70
CA ASN A 280 -22.57 -6.10 -5.69
C ASN A 280 -21.21 -5.51 -6.12
N GLY A 281 -20.51 -6.21 -7.02
CA GLY A 281 -19.21 -5.75 -7.55
C GLY A 281 -17.95 -6.05 -6.75
N TYR A 282 -18.10 -6.76 -5.65
CA TYR A 282 -17.03 -7.04 -4.71
C TYR A 282 -17.02 -8.52 -4.42
N GLN A 283 -15.93 -9.06 -3.88
CA GLN A 283 -15.91 -10.46 -3.46
C GLN A 283 -17.10 -10.75 -2.53
N LYS A 284 -17.86 -11.80 -2.85
CA LYS A 284 -18.99 -12.18 -2.01
C LYS A 284 -18.49 -12.77 -0.69
N MET A 285 -19.00 -12.20 0.42
CA MET A 285 -18.56 -12.62 1.75
C MET A 285 -19.78 -12.96 2.59
N ASN A 286 -19.59 -13.91 3.50
CA ASN A 286 -20.64 -14.24 4.46
C ASN A 286 -20.31 -13.63 5.82
N ILE A 287 -21.35 -13.49 6.65
CA ILE A 287 -21.24 -12.91 7.99
C ILE A 287 -21.02 -14.00 9.02
N ALA A 288 -20.08 -13.76 9.91
CA ALA A 288 -19.85 -14.63 11.07
C ALA A 288 -20.00 -13.83 12.37
N SER A 289 -19.88 -14.50 13.50
CA SER A 289 -20.13 -13.81 14.76
C SER A 289 -18.88 -13.53 15.61
N SER A 290 -17.71 -13.92 15.10
CA SER A 290 -16.42 -13.64 15.76
C SER A 290 -15.38 -14.05 14.75
N LEU A 291 -14.12 -13.73 15.04
CA LEU A 291 -13.05 -14.12 14.13
C LEU A 291 -12.87 -15.65 14.13
N SER A 292 -12.95 -16.27 15.31
CA SER A 292 -12.87 -17.74 15.39
C SER A 292 -14.03 -18.42 14.65
N ASP A 293 -15.23 -17.88 14.79
CA ASP A 293 -16.38 -18.41 14.05
C ASP A 293 -16.15 -18.34 12.53
N ALA A 294 -15.65 -17.20 12.06
CA ALA A 294 -15.37 -17.03 10.64
C ALA A 294 -14.31 -18.03 10.13
N LYS A 295 -13.24 -18.17 10.90
CA LYS A 295 -12.19 -19.15 10.61
C LYS A 295 -12.74 -20.57 10.57
N ASN A 296 -13.63 -20.90 11.52
CA ASN A 296 -14.25 -22.23 11.52
C ASN A 296 -15.06 -22.46 10.27
N LYS A 297 -15.84 -21.46 9.87
CA LYS A 297 -16.76 -21.56 8.74
C LYS A 297 -16.06 -21.56 7.39
N SER A 298 -14.93 -20.87 7.33
CA SER A 298 -14.31 -20.62 6.03
C SER A 298 -13.51 -21.80 5.51
N ASN A 299 -13.58 -21.97 4.20
CA ASN A 299 -12.78 -22.97 3.50
C ASN A 299 -11.98 -22.35 2.36
N ILE A 300 -11.78 -21.03 2.43
CA ILE A 300 -11.15 -20.31 1.33
C ILE A 300 -10.16 -19.33 1.94
N SER A 301 -8.92 -19.36 1.48
CA SER A 301 -7.91 -18.43 1.99
C SER A 301 -8.23 -16.98 1.62
N VAL A 302 -7.96 -16.08 2.56
CA VAL A 302 -8.04 -14.65 2.28
C VAL A 302 -6.65 -14.09 1.99
N ILE A 303 -5.63 -14.95 2.08
CA ILE A 303 -4.25 -14.57 1.71
C ILE A 303 -3.98 -14.93 0.25
N ASP A 304 -4.19 -16.20 -0.10
CA ASP A 304 -3.84 -16.75 -1.41
C ASP A 304 -4.92 -17.78 -1.81
N PRO A 305 -6.14 -17.31 -2.15
CA PRO A 305 -7.25 -18.24 -2.40
C PRO A 305 -7.00 -19.17 -3.57
N PHE A 306 -6.17 -18.76 -4.51
CA PHE A 306 -5.91 -19.52 -5.75
C PHE A 306 -4.53 -20.21 -5.81
N ASN A 307 -3.84 -20.25 -4.68
CA ASN A 307 -2.59 -21.01 -4.54
C ASN A 307 -1.48 -20.51 -5.44
N TYR A 308 -1.45 -19.19 -5.64
CA TYR A 308 -0.43 -18.59 -6.50
C TYR A 308 0.99 -18.83 -5.98
N LEU A 309 1.13 -18.90 -4.66
CA LEU A 309 2.45 -19.04 -4.02
C LEU A 309 2.89 -20.50 -3.93
N ASN A 310 1.94 -21.40 -4.12
CA ASN A 310 2.17 -22.85 -3.94
C ASN A 310 2.99 -23.16 -2.68
N ASN A 311 2.63 -22.55 -1.56
CA ASN A 311 3.47 -22.61 -0.37
C ASN A 311 2.70 -22.81 0.93
N GLY A 312 1.45 -23.26 0.82
CA GLY A 312 0.61 -23.34 2.01
C GLY A 312 -0.20 -22.07 2.25
N ARG A 313 -0.26 -21.21 1.23
CA ARG A 313 -1.13 -20.00 1.19
C ARG A 313 -0.78 -19.05 2.32
N LYS A 314 0.50 -18.69 2.34
CA LYS A 314 1.01 -17.91 3.45
C LYS A 314 2.15 -17.01 2.96
N PHE A 315 2.41 -15.97 3.74
CA PHE A 315 3.57 -15.15 3.52
C PHE A 315 4.79 -15.90 4.06
N SER A 316 5.91 -15.76 3.38
CA SER A 316 7.09 -16.52 3.79
C SER A 316 8.38 -15.78 3.48
N LYS A 317 8.30 -14.60 2.87
CA LYS A 317 9.49 -13.91 2.40
C LYS A 317 9.66 -12.53 3.00
N GLU A 318 10.90 -12.19 3.36
CA GLU A 318 11.22 -10.81 3.74
C GLU A 318 10.87 -9.85 2.60
N MET A 319 10.57 -8.61 2.99
CA MET A 319 10.04 -7.62 2.07
C MET A 319 10.75 -6.27 2.15
N ASP A 320 10.86 -5.60 1.01
CA ASP A 320 11.32 -4.22 0.94
C ASP A 320 10.18 -3.27 1.28
N ILE A 321 10.50 -2.23 2.06
CA ILE A 321 9.56 -1.13 2.30
C ILE A 321 9.67 -0.15 1.14
N ILE A 322 8.54 0.12 0.50
CA ILE A 322 8.47 1.03 -0.64
C ILE A 322 7.45 2.13 -0.35
N ILE A 323 7.81 3.36 -0.66
CA ILE A 323 6.86 4.46 -0.59
C ILE A 323 6.84 5.09 -1.96
N ASN A 324 5.64 5.33 -2.50
CA ASN A 324 5.58 5.93 -3.84
C ASN A 324 4.24 6.60 -4.13
N VAL A 325 4.17 7.18 -5.32
CA VAL A 325 2.92 7.66 -5.88
C VAL A 325 2.74 6.90 -7.21
N GLU A 326 1.50 6.55 -7.55
CA GLU A 326 1.20 5.83 -8.80
C GLU A 326 -0.04 6.36 -9.49
N ASP A 327 0.05 6.40 -10.82
CA ASP A 327 -1.09 6.56 -11.70
C ASP A 327 -1.40 5.16 -12.26
N GLN A 328 -2.32 4.47 -11.62
CA GLN A 328 -2.59 3.05 -11.97
C GLN A 328 -3.44 2.92 -13.22
N SER A 329 -3.30 1.78 -13.92
CA SER A 329 -3.98 1.59 -15.18
C SER A 329 -5.48 1.80 -15.09
N TRP A 330 -6.12 1.21 -14.08
CA TRP A 330 -7.60 1.30 -13.98
C TRP A 330 -8.07 2.75 -13.79
N GLN A 331 -7.35 3.51 -12.97
CA GLN A 331 -7.69 4.90 -12.77
C GLN A 331 -7.47 5.69 -14.05
N ALA A 332 -6.34 5.48 -14.71
CA ALA A 332 -5.99 6.23 -15.91
C ALA A 332 -6.94 5.93 -17.06
N GLU A 333 -7.29 4.65 -17.24
CA GLU A 333 -8.22 4.29 -18.32
C GLU A 333 -9.56 5.01 -18.14
N ALA A 334 -10.00 5.10 -16.88
CA ALA A 334 -11.29 5.72 -16.53
C ALA A 334 -11.21 7.25 -16.49
N TYR A 335 -10.04 7.82 -16.77
CA TYR A 335 -9.81 9.28 -16.72
C TYR A 335 -9.96 9.84 -15.32
N ARG A 336 -9.85 8.97 -14.32
CA ARG A 336 -9.84 9.46 -12.95
C ARG A 336 -8.52 10.09 -12.53
N SER A 337 -7.43 9.82 -13.29
CA SER A 337 -6.11 10.46 -13.11
C SER A 337 -6.20 11.97 -13.15
N PRO A 338 -5.20 12.66 -12.57
CA PRO A 338 -5.24 14.13 -12.49
C PRO A 338 -5.41 14.83 -13.83
N ASN A 339 -6.14 15.94 -13.80
CA ASN A 339 -6.21 16.79 -14.98
C ASN A 339 -5.26 17.98 -14.85
N ALA A 340 -5.15 18.76 -15.92
CA ALA A 340 -4.20 19.87 -15.95
C ALA A 340 -4.45 20.91 -14.86
N ALA A 341 -5.72 21.26 -14.63
CA ALA A 341 -6.06 22.23 -13.59
C ALA A 341 -5.61 21.76 -12.22
N GLU A 342 -5.87 20.48 -11.90
CA GLU A 342 -5.44 19.92 -10.62
C GLU A 342 -3.93 19.92 -10.48
N MET A 343 -3.23 19.63 -11.57
CA MET A 343 -1.77 19.57 -11.57
C MET A 343 -1.13 20.95 -11.42
N ALA A 344 -1.92 22.00 -11.57
CA ALA A 344 -1.45 23.36 -11.31
C ALA A 344 -1.24 23.65 -9.83
N ASN A 345 -1.80 22.83 -8.95
CA ASN A 345 -1.66 23.00 -7.50
C ASN A 345 -0.62 22.01 -6.99
N PHE A 346 0.61 22.47 -6.78
CA PHE A 346 1.70 21.53 -6.41
C PHE A 346 1.43 20.77 -5.10
N TYR A 347 0.99 21.50 -4.09
CA TYR A 347 0.69 21.01 -2.74
C TYR A 347 -0.22 19.77 -2.82
N ASP A 348 -1.16 19.79 -3.76
CA ASP A 348 -2.13 18.70 -3.87
C ASP A 348 -1.53 17.45 -4.46
N ASN A 349 -0.33 17.58 -5.04
CA ASN A 349 0.32 16.51 -5.76
C ASN A 349 1.62 16.04 -5.14
N ASN A 350 1.76 16.26 -3.84
CA ASN A 350 2.98 15.98 -3.12
C ASN A 350 2.66 15.24 -1.83
N LEU A 351 3.04 13.97 -1.81
CA LEU A 351 2.83 13.12 -0.64
C LEU A 351 3.85 13.48 0.44
N LEU A 352 3.40 13.72 1.67
CA LEU A 352 4.30 14.09 2.78
C LEU A 352 4.28 13.03 3.84
N VAL A 353 5.43 12.41 4.12
CA VAL A 353 5.52 11.45 5.21
C VAL A 353 6.39 12.06 6.32
N ASP A 354 5.74 12.33 7.44
CA ASP A 354 6.42 12.90 8.60
C ASP A 354 7.41 11.90 9.20
N TRP A 355 6.99 10.64 9.28
CA TRP A 355 7.84 9.59 9.83
C TRP A 355 7.31 8.22 9.48
N ILE A 356 8.20 7.25 9.50
CA ILE A 356 7.85 5.85 9.41
C ILE A 356 8.69 5.09 10.44
N ARG A 357 8.00 4.30 11.26
CA ARG A 357 8.67 3.56 12.33
C ARG A 357 8.41 2.07 12.18
N VAL A 358 9.39 1.28 12.59
CA VAL A 358 9.36 -0.17 12.43
C VAL A 358 9.74 -0.77 13.77
N TYR A 359 8.91 -1.68 14.28
CA TYR A 359 9.19 -2.40 15.53
C TYR A 359 9.09 -3.90 15.35
N LYS A 360 9.80 -4.64 16.18
CA LYS A 360 9.55 -6.07 16.31
C LYS A 360 9.26 -6.41 17.77
N PRO A 361 8.42 -7.43 18.02
CA PRO A 361 8.08 -7.81 19.38
C PRO A 361 9.17 -8.68 19.98
N VAL A 362 9.58 -8.35 21.21
CA VAL A 362 10.61 -9.11 21.90
C VAL A 362 10.16 -9.43 23.33
N ASN A 363 10.58 -10.58 23.84
CA ASN A 363 10.36 -10.86 25.27
C ASN A 363 11.63 -10.69 26.09
CA CA B . 9.40 14.34 10.65
N1 IMD C . 0.91 -1.89 -4.41
C2 IMD C . 1.78 -1.31 -5.27
N3 IMD C . 1.34 -0.07 -5.53
C4 IMD C . 0.21 0.16 -4.84
C5 IMD C . -0.06 -1.00 -4.12
C1 PEG D . -5.43 -1.97 -9.74
O1 PEG D . -5.96 -2.73 -10.82
C2 PEG D . -6.44 -1.99 -8.61
O2 PEG D . -5.83 -1.48 -7.42
C3 PEG D . -6.80 -1.20 -6.41
C4 PEG D . -7.54 -2.46 -6.01
O4 PEG D . -8.71 -2.74 -6.79
#